data_6OIO
#
_entry.id   6OIO
#
_cell.length_a   46.480
_cell.length_b   56.820
_cell.length_c   122.110
_cell.angle_alpha   90.00
_cell.angle_beta   90.00
_cell.angle_gamma   90.00
#
_symmetry.space_group_name_H-M   'P 21 21 21'
#
loop_
_entity.id
_entity.type
_entity.pdbx_description
1 polymer 'Histone acetyltransferase KAT8'
2 non-polymer "N'-(phenylsulfonyl)[1,1'-biphenyl]-3-carbohydrazide"
3 non-polymer 'ZINC ION'
4 water water
#
_entity_poly.entity_id   1
_entity_poly.type   'polypeptide(L)'
_entity_poly.pdbx_seq_one_letter_code
;VKYVDKIHIGNYEIDAWYFSPFPEDYGKQPKLWLCEYCLKYMKYEKSYRFHLGQCQWRQPPGKEIYRKSNISVHEVDGKD
HKIYCQNLCLLAKLFLDH(ALY)TLYFDVEPFVFYILTEVDRQGAHIVGYFSKEKESPDGNNVSCIMILPPYQRRGYGRF
LIAFSYELSKLESTVGSPEKPLSDLGKLSYRSYWSWVLLENLRDFRGTLSIKDLSQMTSITQNDIISTLQSLNMVKYWKG
QHVICVTPKLVEEHLKSAQYKKPPITVDSVCLKWAPP
;
_entity_poly.pdbx_strand_id   A
#
# COMPACT_ATOMS: atom_id res chain seq x y z
N VAL A 1 24.18 -16.88 -8.11
CA VAL A 1 22.75 -16.99 -7.69
C VAL A 1 22.40 -18.29 -7.00
N LYS A 2 22.46 -18.35 -5.67
CA LYS A 2 21.84 -19.47 -4.89
C LYS A 2 20.46 -19.15 -4.26
N TYR A 3 20.24 -17.91 -3.77
CA TYR A 3 18.78 -17.46 -3.56
C TYR A 3 18.46 -16.68 -4.83
N VAL A 4 17.17 -16.41 -5.06
CA VAL A 4 16.81 -15.47 -6.15
C VAL A 4 17.38 -14.09 -5.84
N ASP A 5 18.12 -13.58 -6.83
CA ASP A 5 18.63 -12.24 -6.54
C ASP A 5 18.28 -11.19 -7.56
N LYS A 6 17.53 -11.54 -8.62
CA LYS A 6 17.19 -10.58 -9.67
C LYS A 6 15.93 -11.17 -10.33
N ILE A 7 14.93 -10.30 -10.57
CA ILE A 7 13.74 -10.74 -11.31
C ILE A 7 13.62 -9.91 -12.58
N HIS A 8 12.89 -10.46 -13.55
CA HIS A 8 12.50 -9.71 -14.74
C HIS A 8 11.00 -9.72 -14.71
N ILE A 9 10.39 -8.54 -14.72
CA ILE A 9 8.88 -8.51 -14.73
C ILE A 9 8.48 -7.40 -15.68
N GLY A 10 7.67 -7.71 -16.67
CA GLY A 10 7.36 -6.64 -17.65
C GLY A 10 8.62 -6.22 -18.39
N ASN A 11 8.89 -4.92 -18.42
CA ASN A 11 10.10 -4.40 -18.99
C ASN A 11 11.20 -4.09 -17.97
N TYR A 12 11.08 -4.58 -16.74
CA TYR A 12 11.96 -4.14 -15.64
C TYR A 12 12.81 -5.33 -15.19
N GLU A 13 14.09 -5.08 -14.92
CA GLU A 13 14.89 -6.05 -14.21
C GLU A 13 15.11 -5.37 -12.86
N ILE A 14 14.84 -6.11 -11.79
CA ILE A 14 14.90 -5.55 -10.43
C ILE A 14 15.74 -6.43 -9.55
N ASP A 15 16.68 -5.83 -8.77
CA ASP A 15 17.44 -6.64 -7.79
C ASP A 15 16.66 -6.92 -6.53
N ALA A 16 16.80 -8.12 -5.99
CA ALA A 16 16.13 -8.43 -4.70
C ALA A 16 16.72 -7.66 -3.52
N TRP A 17 15.90 -7.41 -2.48
CA TRP A 17 16.41 -6.89 -1.24
C TRP A 17 16.56 -7.91 -0.13
N TYR A 18 15.73 -8.96 -0.20
CA TYR A 18 15.70 -9.95 0.87
C TYR A 18 15.50 -11.33 0.24
N PHE A 19 15.78 -12.33 1.07
CA PHE A 19 15.43 -13.74 0.71
C PHE A 19 13.88 -13.91 0.60
N SER A 20 13.50 -14.60 -0.47
CA SER A 20 12.09 -15.08 -0.58
C SER A 20 12.14 -16.56 -0.95
N PRO A 21 11.26 -17.32 -0.31
CA PRO A 21 11.41 -18.81 -0.46
C PRO A 21 10.74 -19.38 -1.67
N PHE A 22 11.11 -18.86 -2.84
CA PHE A 22 10.83 -19.58 -4.06
C PHE A 22 11.52 -20.97 -3.96
N PRO A 23 10.98 -21.96 -4.68
CA PRO A 23 11.62 -23.35 -4.60
C PRO A 23 13.07 -23.31 -5.03
N GLU A 24 13.86 -24.22 -4.42
CA GLU A 24 15.33 -24.09 -4.51
C GLU A 24 15.78 -23.95 -5.93
N ASP A 25 15.23 -24.79 -6.83
CA ASP A 25 15.59 -24.88 -8.21
CA ASP A 25 15.77 -24.82 -8.19
C ASP A 25 15.51 -23.52 -8.96
N TYR A 26 14.62 -22.68 -8.44
CA TYR A 26 14.35 -21.39 -9.06
C TYR A 26 15.41 -20.34 -8.70
N GLY A 27 15.95 -20.51 -7.51
CA GLY A 27 16.97 -19.61 -7.01
C GLY A 27 18.27 -19.91 -7.74
N LYS A 28 18.38 -21.07 -8.38
CA LYS A 28 19.71 -21.40 -9.02
C LYS A 28 20.04 -20.65 -10.30
N GLN A 29 19.03 -20.12 -10.98
CA GLN A 29 19.18 -19.50 -12.30
C GLN A 29 19.68 -18.06 -12.09
N PRO A 30 20.31 -17.43 -13.13
CA PRO A 30 20.70 -16.04 -12.91
C PRO A 30 19.57 -15.07 -12.62
N LYS A 31 18.40 -15.25 -13.23
CA LYS A 31 17.26 -14.34 -13.05
C LYS A 31 16.02 -15.21 -12.91
N LEU A 32 15.03 -14.75 -12.18
CA LEU A 32 13.71 -15.37 -12.13
C LEU A 32 12.84 -14.50 -12.99
N TRP A 33 12.02 -15.09 -13.88
CA TRP A 33 11.24 -14.35 -14.87
C TRP A 33 9.77 -14.46 -14.50
N LEU A 34 9.10 -13.31 -14.21
CA LEU A 34 7.71 -13.36 -13.83
C LEU A 34 6.81 -12.75 -14.88
N CYS A 35 5.68 -13.43 -15.16
CA CYS A 35 4.66 -12.85 -16.01
C CYS A 35 4.05 -11.64 -15.26
N GLU A 36 4.03 -10.48 -15.91
CA GLU A 36 3.58 -9.35 -15.09
C GLU A 36 2.07 -9.34 -14.87
N TYR A 37 1.33 -10.18 -15.56
CA TYR A 37 -0.11 -10.21 -15.36
C TYR A 37 -0.58 -11.30 -14.46
N CYS A 38 -0.13 -12.57 -14.62
CA CYS A 38 -0.54 -13.63 -13.71
C CYS A 38 0.44 -13.98 -12.55
N LEU A 39 1.64 -13.42 -12.66
CA LEU A 39 2.71 -13.52 -11.67
C LEU A 39 3.36 -14.93 -11.57
N LYS A 40 3.08 -15.75 -12.58
CA LYS A 40 3.82 -17.04 -12.68
C LYS A 40 5.32 -16.75 -12.77
N TYR A 41 6.12 -17.48 -11.97
CA TYR A 41 7.55 -17.35 -12.01
C TYR A 41 8.16 -18.51 -12.81
N MET A 42 9.16 -18.16 -13.64
CA MET A 42 9.67 -19.09 -14.67
C MET A 42 11.26 -19.07 -14.56
N LYS A 43 11.87 -20.17 -14.94
CA LYS A 43 13.32 -20.27 -14.77
C LYS A 43 14.16 -19.80 -15.90
N TYR A 44 13.62 -19.75 -17.09
CA TYR A 44 14.32 -19.39 -18.31
C TYR A 44 13.71 -18.33 -19.15
N GLU A 45 14.52 -17.50 -19.86
CA GLU A 45 13.99 -16.58 -20.79
C GLU A 45 13.12 -17.29 -21.81
N LYS A 46 13.47 -18.54 -22.14
CA LYS A 46 12.61 -19.18 -23.25
C LYS A 46 11.24 -19.63 -22.76
N SER A 47 11.21 -20.12 -21.50
CA SER A 47 9.87 -20.52 -20.99
C SER A 47 9.04 -19.23 -20.77
N TYR A 48 9.74 -18.15 -20.38
CA TYR A 48 9.06 -16.83 -20.15
C TYR A 48 8.45 -16.28 -21.45
N ARG A 49 9.24 -16.34 -22.50
CA ARG A 49 8.76 -15.80 -23.77
C ARG A 49 7.63 -16.65 -24.35
N PHE A 50 7.70 -17.99 -24.14
CA PHE A 50 6.61 -18.80 -24.56
C PHE A 50 5.32 -18.49 -23.80
N HIS A 51 5.49 -18.32 -22.48
CA HIS A 51 4.37 -17.97 -21.63
C HIS A 51 3.79 -16.65 -22.01
N LEU A 52 4.62 -15.65 -22.35
CA LEU A 52 4.06 -14.34 -22.78
C LEU A 52 3.18 -14.40 -24.03
N GLY A 53 3.51 -15.31 -24.94
CA GLY A 53 2.68 -15.45 -26.14
C GLY A 53 1.42 -16.24 -25.87
N GLN A 54 1.38 -17.05 -24.83
CA GLN A 54 0.23 -17.85 -24.49
C GLN A 54 -0.76 -17.28 -23.48
N CYS A 55 -0.26 -16.62 -22.45
CA CYS A 55 -1.11 -16.25 -21.32
C CYS A 55 -2.15 -15.23 -21.72
N GLN A 56 -3.36 -15.53 -21.28
CA GLN A 56 -4.46 -14.62 -21.70
C GLN A 56 -4.73 -13.51 -20.72
N TRP A 57 -4.08 -13.55 -19.56
CA TRP A 57 -4.33 -12.46 -18.53
C TRP A 57 -3.72 -11.20 -18.98
N ARG A 58 -4.49 -10.09 -18.79
CA ARG A 58 -3.97 -8.73 -19.06
C ARG A 58 -4.23 -7.76 -17.87
N GLN A 59 -4.63 -8.34 -16.76
CA GLN A 59 -4.93 -7.59 -15.50
C GLN A 59 -4.98 -8.61 -14.39
N PRO A 60 -4.92 -8.20 -13.09
CA PRO A 60 -5.17 -9.09 -12.03
C PRO A 60 -6.54 -9.82 -12.05
N PRO A 61 -6.63 -10.93 -11.36
CA PRO A 61 -7.93 -11.56 -11.23
C PRO A 61 -8.80 -10.82 -10.21
N GLY A 62 -9.94 -11.37 -9.80
CA GLY A 62 -10.86 -10.77 -8.77
C GLY A 62 -11.63 -9.60 -9.40
N LYS A 63 -11.95 -8.61 -8.60
CA LYS A 63 -12.89 -7.58 -9.03
C LYS A 63 -12.21 -6.21 -9.09
N GLU A 64 -12.44 -5.46 -10.16
CA GLU A 64 -11.91 -4.11 -10.24
C GLU A 64 -12.79 -3.27 -9.37
N ILE A 65 -12.29 -2.86 -8.19
CA ILE A 65 -13.15 -2.06 -7.30
C ILE A 65 -12.87 -0.54 -7.41
N TYR A 66 -11.83 -0.17 -8.16
CA TYR A 66 -11.47 1.23 -8.38
C TYR A 66 -11.01 1.39 -9.73
N ARG A 67 -11.59 2.34 -10.47
CA ARG A 67 -10.97 2.75 -11.69
C ARG A 67 -11.20 4.29 -11.89
N LYS A 68 -10.12 4.98 -12.15
CA LYS A 68 -10.19 6.43 -12.52
C LYS A 68 -9.12 6.68 -13.48
N SER A 69 -9.48 7.04 -14.72
CA SER A 69 -8.54 7.22 -15.82
C SER A 69 -7.82 5.84 -15.94
N ASN A 70 -6.50 5.86 -15.90
CA ASN A 70 -5.72 4.58 -16.11
C ASN A 70 -5.15 4.06 -14.78
N ILE A 71 -5.77 4.43 -13.66
CA ILE A 71 -5.38 3.89 -12.34
C ILE A 71 -6.48 2.96 -11.88
N SER A 72 -6.09 1.75 -11.46
CA SER A 72 -7.11 0.79 -11.04
CA SER A 72 -7.04 0.68 -11.16
C SER A 72 -6.65 -0.03 -9.86
N VAL A 73 -7.63 -0.47 -9.06
CA VAL A 73 -7.37 -1.36 -7.94
C VAL A 73 -8.20 -2.59 -8.10
N HIS A 74 -7.60 -3.78 -7.98
CA HIS A 74 -8.38 -5.00 -7.97
C HIS A 74 -8.35 -5.67 -6.64
N GLU A 75 -9.48 -6.17 -6.19
CA GLU A 75 -9.63 -6.86 -4.94
C GLU A 75 -9.60 -8.35 -5.20
N VAL A 76 -8.64 -9.05 -4.60
CA VAL A 76 -8.44 -10.45 -4.96
C VAL A 76 -8.47 -11.21 -3.64
N ASP A 77 -9.46 -12.12 -3.48
CA ASP A 77 -9.57 -12.86 -2.24
C ASP A 77 -8.64 -14.09 -2.29
N GLY A 78 -7.87 -14.30 -1.25
CA GLY A 78 -6.80 -15.33 -1.20
C GLY A 78 -7.46 -16.72 -1.30
N LYS A 79 -8.70 -16.82 -0.85
CA LYS A 79 -9.38 -18.13 -1.06
C LYS A 79 -9.85 -18.39 -2.51
N ASP A 80 -10.24 -17.40 -3.29
CA ASP A 80 -10.72 -17.57 -4.67
C ASP A 80 -9.55 -17.73 -5.68
N HIS A 81 -8.40 -17.12 -5.38
CA HIS A 81 -7.27 -17.02 -6.34
C HIS A 81 -5.99 -17.31 -5.63
N LYS A 82 -5.85 -18.57 -5.15
CA LYS A 82 -4.79 -18.93 -4.25
C LYS A 82 -3.42 -18.80 -4.91
N ILE A 83 -3.31 -19.37 -6.09
CA ILE A 83 -2.02 -19.40 -6.79
C ILE A 83 -1.55 -18.01 -7.10
N TYR A 84 -2.43 -17.15 -7.58
CA TYR A 84 -2.01 -15.74 -7.93
C TYR A 84 -1.54 -15.07 -6.63
N CYS A 85 -2.26 -15.24 -5.53
CA CYS A 85 -1.92 -14.59 -4.28
C CYS A 85 -0.57 -15.12 -3.70
N GLN A 86 -0.29 -16.44 -3.85
CA GLN A 86 0.96 -17.01 -3.35
C GLN A 86 2.10 -16.44 -4.19
N ASN A 87 1.83 -16.30 -5.48
CA ASN A 87 2.88 -15.73 -6.42
C ASN A 87 3.18 -14.29 -5.98
N LEU A 88 2.13 -13.57 -5.67
CA LEU A 88 2.27 -12.14 -5.25
C LEU A 88 3.04 -12.07 -3.95
N CYS A 89 2.74 -12.99 -3.01
CA CYS A 89 3.41 -12.97 -1.73
C CYS A 89 4.90 -13.29 -1.89
N LEU A 90 5.29 -14.19 -2.81
CA LEU A 90 6.71 -14.56 -2.91
C LEU A 90 7.42 -13.41 -3.63
N LEU A 91 6.71 -12.74 -4.54
CA LEU A 91 7.29 -11.51 -5.19
C LEU A 91 7.45 -10.44 -4.12
N ALA A 92 6.45 -10.21 -3.26
CA ALA A 92 6.62 -9.16 -2.25
C ALA A 92 7.75 -9.41 -1.27
N LYS A 93 7.98 -10.69 -0.91
CA LYS A 93 8.93 -11.03 0.13
C LYS A 93 10.35 -10.65 -0.36
N LEU A 94 10.52 -10.51 -1.66
CA LEU A 94 11.81 -10.03 -2.17
C LEU A 94 12.13 -8.64 -1.65
N PHE A 95 11.10 -7.84 -1.31
CA PHE A 95 11.30 -6.44 -0.88
C PHE A 95 10.88 -6.16 0.51
N LEU A 96 10.42 -7.20 1.22
CA LEU A 96 9.91 -7.01 2.58
C LEU A 96 10.76 -7.89 3.55
N ASP A 97 11.28 -7.31 4.60
CA ASP A 97 12.12 -8.12 5.49
C ASP A 97 11.23 -8.98 6.40
N HIS A 98 10.07 -8.41 6.76
CA HIS A 98 9.25 -8.90 7.89
C HIS A 98 8.05 -9.68 7.48
N THR A 100 5.88 -12.80 6.67
CA THR A 100 6.24 -14.23 6.97
C THR A 100 5.24 -15.25 6.34
N LEU A 101 4.17 -14.74 5.78
CA LEU A 101 3.11 -15.58 5.28
C LEU A 101 3.15 -15.52 3.69
N TYR A 102 3.33 -16.70 3.08
CA TYR A 102 3.37 -16.78 1.63
C TYR A 102 2.38 -17.74 1.07
N PHE A 103 2.07 -18.83 1.81
CA PHE A 103 1.23 -19.90 1.24
C PHE A 103 -0.18 -20.00 1.78
N ASP A 104 -0.30 -19.75 3.07
CA ASP A 104 -1.62 -19.72 3.79
C ASP A 104 -2.36 -18.39 3.47
N VAL A 105 -2.75 -18.17 2.22
CA VAL A 105 -3.22 -16.84 1.82
C VAL A 105 -4.72 -16.75 2.04
N GLU A 106 -5.42 -17.86 2.41
CA GLU A 106 -6.86 -17.77 2.35
C GLU A 106 -7.47 -16.79 3.41
N PRO A 107 -6.76 -16.52 4.52
CA PRO A 107 -7.31 -15.51 5.46
C PRO A 107 -7.27 -14.01 4.98
N PHE A 108 -6.67 -13.81 3.80
CA PHE A 108 -6.36 -12.45 3.33
C PHE A 108 -7.09 -12.06 2.11
N VAL A 109 -7.31 -10.75 2.00
CA VAL A 109 -7.72 -10.14 0.74
C VAL A 109 -6.57 -9.21 0.24
N PHE A 110 -6.33 -9.25 -1.05
CA PHE A 110 -5.24 -8.47 -1.63
C PHE A 110 -5.73 -7.37 -2.53
N TYR A 111 -5.13 -6.20 -2.39
CA TYR A 111 -5.59 -5.06 -3.18
C TYR A 111 -4.45 -4.68 -4.09
N ILE A 112 -4.62 -4.90 -5.38
CA ILE A 112 -3.53 -4.80 -6.33
C ILE A 112 -3.67 -3.49 -7.07
N LEU A 113 -2.64 -2.65 -7.05
CA LEU A 113 -2.66 -1.38 -7.76
C LEU A 113 -2.01 -1.55 -9.12
N THR A 114 -2.73 -1.19 -10.22
CA THR A 114 -2.16 -1.20 -11.51
C THR A 114 -2.30 0.14 -12.25
N GLU A 115 -1.42 0.34 -13.21
CA GLU A 115 -1.41 1.53 -14.11
C GLU A 115 -1.61 0.93 -15.51
N VAL A 116 -2.65 1.43 -16.21
CA VAL A 116 -3.16 0.78 -17.42
C VAL A 116 -2.74 1.52 -18.68
N ASP A 117 -2.30 0.75 -19.70
CA ASP A 117 -2.10 1.25 -21.04
C ASP A 117 -2.86 0.31 -22.04
N ARG A 118 -2.66 0.57 -23.31
CA ARG A 118 -3.34 -0.22 -24.38
C ARG A 118 -2.98 -1.70 -24.28
N GLN A 119 -1.78 -2.03 -23.78
CA GLN A 119 -1.41 -3.47 -23.57
C GLN A 119 -2.11 -4.20 -22.39
N GLY A 120 -2.34 -3.53 -21.24
CA GLY A 120 -3.06 -4.18 -20.16
C GLY A 120 -2.69 -3.37 -18.92
N ALA A 121 -3.00 -3.97 -17.79
CA ALA A 121 -2.95 -3.27 -16.45
C ALA A 121 -1.67 -3.76 -15.78
N HIS A 122 -0.71 -2.87 -15.51
CA HIS A 122 0.66 -3.21 -15.12
C HIS A 122 0.84 -3.04 -13.63
N ILE A 123 1.24 -4.11 -12.94
CA ILE A 123 1.32 -4.00 -11.50
C ILE A 123 2.34 -3.05 -10.93
N VAL A 124 1.88 -2.29 -9.90
CA VAL A 124 2.76 -1.28 -9.30
C VAL A 124 3.09 -1.71 -7.90
N GLY A 125 2.13 -2.29 -7.21
CA GLY A 125 2.23 -2.65 -5.87
C GLY A 125 0.95 -3.17 -5.27
N TYR A 126 0.93 -3.43 -3.98
CA TYR A 126 -0.32 -4.00 -3.38
C TYR A 126 -0.32 -3.79 -1.90
N PHE A 127 -1.47 -4.02 -1.27
CA PHE A 127 -1.40 -4.37 0.18
C PHE A 127 -2.31 -5.54 0.46
N SER A 128 -1.98 -6.28 1.49
CA SER A 128 -2.81 -7.39 1.91
C SER A 128 -3.55 -6.89 3.14
N LYS A 129 -4.66 -7.56 3.47
CA LYS A 129 -5.45 -7.11 4.67
C LYS A 129 -6.11 -8.44 5.19
N GLU A 130 -6.07 -8.64 6.51
CA GLU A 130 -6.80 -9.85 7.08
C GLU A 130 -8.24 -9.62 6.93
N LYS A 131 -8.96 -10.61 6.46
CA LYS A 131 -10.45 -10.54 6.42
C LYS A 131 -11.03 -10.26 7.80
N GLU A 132 -10.46 -10.88 8.83
CA GLU A 132 -10.89 -10.60 10.18
C GLU A 132 -9.67 -10.23 10.94
N SER A 133 -9.55 -8.95 11.31
CA SER A 133 -8.40 -8.54 12.09
C SER A 133 -8.93 -8.31 13.48
N PRO A 134 -8.44 -9.10 14.44
CA PRO A 134 -8.91 -8.75 15.76
C PRO A 134 -8.21 -7.46 16.29
N ASP A 135 -7.02 -7.15 15.75
CA ASP A 135 -6.24 -6.06 16.30
C ASP A 135 -6.57 -4.76 15.58
N GLY A 136 -7.55 -4.76 14.69
CA GLY A 136 -7.91 -3.55 13.93
C GLY A 136 -6.79 -3.16 12.97
N ASN A 137 -6.10 -4.12 12.35
CA ASN A 137 -5.08 -3.71 11.32
C ASN A 137 -5.76 -3.59 9.98
N ASN A 138 -5.64 -2.46 9.31
CA ASN A 138 -6.25 -2.29 8.06
C ASN A 138 -5.31 -2.53 6.87
N VAL A 139 -4.06 -2.84 7.20
CA VAL A 139 -3.08 -3.37 6.19
C VAL A 139 -2.24 -4.39 6.94
N SER A 140 -1.99 -5.56 6.35
CA SER A 140 -1.03 -6.50 6.87
C SER A 140 0.37 -6.16 6.32
N CYS A 141 0.56 -6.30 4.98
CA CYS A 141 1.82 -5.89 4.36
C CYS A 141 1.49 -4.94 3.25
N ILE A 142 2.41 -3.97 2.96
CA ILE A 142 2.22 -3.08 1.85
C ILE A 142 3.57 -2.97 1.10
N MET A 143 3.50 -3.10 -0.24
CA MET A 143 4.78 -3.09 -0.98
C MET A 143 4.52 -2.40 -2.32
N ILE A 144 5.43 -1.47 -2.71
CA ILE A 144 5.42 -0.82 -4.01
C ILE A 144 6.73 -1.31 -4.68
N LEU A 145 6.64 -1.76 -5.96
CA LEU A 145 7.90 -2.35 -6.53
C LEU A 145 8.89 -1.18 -6.73
N PRO A 146 10.20 -1.48 -6.62
CA PRO A 146 11.24 -0.42 -6.68
C PRO A 146 11.03 0.64 -7.77
N PRO A 147 10.79 0.32 -9.04
CA PRO A 147 10.72 1.41 -10.03
C PRO A 147 9.53 2.38 -9.86
N TYR A 148 8.59 2.08 -8.99
CA TYR A 148 7.47 2.99 -8.73
C TYR A 148 7.60 3.61 -7.34
N GLN A 149 8.63 3.29 -6.54
CA GLN A 149 8.71 3.89 -5.19
C GLN A 149 8.94 5.38 -5.27
N ARG A 150 8.45 6.08 -4.24
CA ARG A 150 8.71 7.52 -4.14
C ARG A 150 8.11 8.31 -5.29
N ARG A 151 7.03 7.81 -5.86
CA ARG A 151 6.40 8.48 -7.00
C ARG A 151 4.93 8.65 -6.81
N GLY A 152 4.48 8.67 -5.59
CA GLY A 152 3.02 8.89 -5.38
C GLY A 152 2.16 7.68 -5.25
N TYR A 153 2.65 6.51 -5.71
CA TYR A 153 1.79 5.35 -5.69
C TYR A 153 1.58 4.79 -4.27
N GLY A 154 2.66 4.79 -3.44
CA GLY A 154 2.51 4.42 -2.04
C GLY A 154 1.53 5.31 -1.27
N ARG A 155 1.58 6.60 -1.58
CA ARG A 155 0.65 7.49 -0.91
CA ARG A 155 0.65 7.55 -0.94
C ARG A 155 -0.77 7.13 -1.31
N PHE A 156 -1.00 6.87 -2.61
CA PHE A 156 -2.35 6.44 -3.05
C PHE A 156 -2.80 5.16 -2.33
N LEU A 157 -1.98 4.12 -2.25
CA LEU A 157 -2.39 2.92 -1.59
C LEU A 157 -2.67 3.10 -0.11
N ILE A 158 -1.83 3.85 0.62
CA ILE A 158 -2.10 4.07 2.03
C ILE A 158 -3.50 4.78 2.10
N ALA A 159 -3.68 5.85 1.33
CA ALA A 159 -5.03 6.59 1.31
C ALA A 159 -6.13 5.64 1.05
N PHE A 160 -5.89 4.71 0.10
CA PHE A 160 -6.92 3.75 -0.32
C PHE A 160 -7.31 2.87 0.87
N SER A 161 -6.31 2.41 1.66
CA SER A 161 -6.53 1.52 2.75
C SER A 161 -7.44 2.25 3.84
N TYR A 162 -7.29 3.59 3.99
CA TYR A 162 -8.08 4.31 4.95
C TYR A 162 -9.46 4.54 4.34
N GLU A 163 -9.54 4.68 3.00
CA GLU A 163 -10.90 4.75 2.37
C GLU A 163 -11.72 3.52 2.63
N LEU A 164 -11.12 2.29 2.65
CA LEU A 164 -11.89 1.10 2.99
C LEU A 164 -12.30 1.18 4.48
N SER A 165 -11.35 1.55 5.35
CA SER A 165 -11.69 1.61 6.78
C SER A 165 -12.88 2.56 7.03
N LYS A 166 -12.86 3.71 6.39
CA LYS A 166 -14.03 4.68 6.45
C LYS A 166 -15.36 4.04 6.07
N LEU A 167 -15.35 3.27 4.98
CA LEU A 167 -16.55 2.55 4.55
C LEU A 167 -16.95 1.47 5.51
N GLU A 168 -16.02 0.89 6.29
CA GLU A 168 -16.31 -0.09 7.31
C GLU A 168 -16.73 0.60 8.64
N SER A 169 -16.78 1.92 8.68
CA SER A 169 -17.02 2.68 9.93
C SER A 169 -16.06 2.24 11.04
N THR A 170 -14.78 2.10 10.73
CA THR A 170 -13.89 1.66 11.76
C THR A 170 -12.56 2.41 11.64
N VAL A 171 -11.75 2.41 12.70
CA VAL A 171 -10.38 2.94 12.59
C VAL A 171 -9.49 1.75 12.25
N GLY A 172 -8.28 2.05 11.84
CA GLY A 172 -7.35 0.94 11.52
C GLY A 172 -5.93 1.45 11.46
N SER A 173 -4.96 0.54 11.59
CA SER A 173 -3.57 0.94 11.57
C SER A 173 -2.80 -0.19 10.86
N PRO A 174 -1.69 0.14 10.19
CA PRO A 174 -0.93 -0.96 9.58
C PRO A 174 -0.37 -1.91 10.64
N GLU A 175 -0.30 -3.20 10.29
CA GLU A 175 0.40 -4.15 11.16
C GLU A 175 1.87 -3.81 11.30
N LYS A 176 2.37 -3.85 12.53
CA LYS A 176 3.80 -3.68 12.75
C LYS A 176 4.53 -5.07 12.79
N PRO A 177 5.83 -5.05 12.51
CA PRO A 177 6.67 -3.88 12.27
C PRO A 177 6.55 -3.32 10.82
N LEU A 178 6.71 -2.03 10.67
CA LEU A 178 6.68 -1.44 9.38
C LEU A 178 8.04 -1.45 8.81
N SER A 179 8.06 -1.55 7.50
CA SER A 179 9.31 -1.41 6.81
C SER A 179 9.86 -0.07 6.91
N ASP A 180 11.15 0.07 6.62
CA ASP A 180 11.68 1.44 6.72
C ASP A 180 10.95 2.48 5.82
N LEU A 181 10.64 2.08 4.57
CA LEU A 181 10.00 3.02 3.66
C LEU A 181 8.54 3.19 4.06
N GLY A 182 7.98 2.12 4.60
CA GLY A 182 6.57 2.19 5.10
C GLY A 182 6.48 3.19 6.26
N LYS A 183 7.40 3.18 7.23
CA LYS A 183 7.32 4.14 8.31
C LYS A 183 7.35 5.54 7.84
N LEU A 184 8.34 5.87 6.96
CA LEU A 184 8.42 7.24 6.51
C LEU A 184 7.12 7.66 5.77
N SER A 185 6.63 6.76 4.95
CA SER A 185 5.45 6.98 4.13
C SER A 185 4.15 7.20 4.93
N TYR A 186 3.93 6.36 5.95
CA TYR A 186 2.78 6.54 6.86
C TYR A 186 2.94 7.84 7.60
N ARG A 187 4.14 8.15 8.10
CA ARG A 187 4.25 9.39 8.89
CA ARG A 187 4.29 9.38 8.88
C ARG A 187 3.94 10.63 8.05
N SER A 188 4.42 10.61 6.81
CA SER A 188 4.17 11.70 5.92
C SER A 188 2.67 11.76 5.55
N TYR A 189 2.06 10.61 5.25
CA TYR A 189 0.62 10.58 4.97
C TYR A 189 -0.24 11.10 6.14
N TRP A 190 0.01 10.59 7.35
CA TRP A 190 -0.79 11.03 8.46
C TRP A 190 -0.62 12.49 8.64
N SER A 191 0.60 12.99 8.56
CA SER A 191 0.85 14.47 8.80
C SER A 191 0.04 15.27 7.79
N TRP A 192 0.14 14.90 6.52
CA TRP A 192 -0.57 15.63 5.46
CA TRP A 192 -0.62 15.66 5.46
C TRP A 192 -2.05 15.64 5.75
N VAL A 193 -2.65 14.47 5.99
CA VAL A 193 -4.04 14.38 6.19
C VAL A 193 -4.50 15.17 7.40
N LEU A 194 -3.76 15.06 8.49
CA LEU A 194 -4.25 15.74 9.70
C LEU A 194 -4.13 17.27 9.54
N LEU A 195 -3.04 17.68 8.95
CA LEU A 195 -2.73 19.12 8.75
C LEU A 195 -3.84 19.67 7.84
N GLU A 196 -4.15 18.96 6.77
CA GLU A 196 -5.15 19.50 5.83
CA GLU A 196 -5.13 19.52 5.82
C GLU A 196 -6.47 19.63 6.54
N ASN A 197 -6.81 18.67 7.43
CA ASN A 197 -8.05 18.79 8.22
C ASN A 197 -8.02 19.94 9.24
N LEU A 198 -6.84 20.11 9.89
CA LEU A 198 -6.60 21.22 10.82
C LEU A 198 -6.73 22.61 10.09
N ARG A 199 -6.20 22.71 8.85
CA ARG A 199 -6.43 23.92 8.00
C ARG A 199 -7.91 24.12 7.66
N ASP A 200 -8.62 23.08 7.20
CA ASP A 200 -10.06 23.16 6.79
C ASP A 200 -11.11 23.40 7.87
N PHE A 201 -10.92 22.88 9.08
CA PHE A 201 -11.78 23.22 10.21
C PHE A 201 -10.99 24.25 11.01
N ARG A 202 -11.42 24.62 12.21
CA ARG A 202 -10.58 25.58 12.98
C ARG A 202 -10.32 25.24 14.47
N GLY A 203 -11.32 24.78 15.22
CA GLY A 203 -12.68 24.50 14.75
C GLY A 203 -13.22 23.29 15.47
N THR A 204 -12.99 23.28 16.80
CA THR A 204 -13.17 22.11 17.70
C THR A 204 -13.14 20.78 16.99
N LEU A 205 -12.10 20.55 16.19
CA LEU A 205 -11.70 19.18 15.87
C LEU A 205 -10.97 18.67 17.13
N SER A 206 -11.56 17.73 17.82
CA SER A 206 -10.80 16.99 18.83
C SER A 206 -9.98 15.86 18.12
N ILE A 207 -9.14 15.20 18.89
CA ILE A 207 -8.45 13.97 18.39
C ILE A 207 -9.46 12.90 17.99
N LYS A 208 -10.49 12.65 18.81
CA LYS A 208 -11.62 11.82 18.45
C LYS A 208 -12.25 12.18 17.16
N ASP A 209 -12.52 13.48 16.93
CA ASP A 209 -13.12 13.96 15.68
C ASP A 209 -12.27 13.55 14.51
N LEU A 210 -10.95 13.84 14.61
CA LEU A 210 -10.02 13.47 13.58
C LEU A 210 -9.98 11.96 13.32
N SER A 211 -10.04 11.13 14.37
CA SER A 211 -10.04 9.68 14.17
C SER A 211 -11.31 9.25 13.42
N GLN A 212 -12.48 9.74 13.83
CA GLN A 212 -13.70 9.47 13.03
C GLN A 212 -13.67 9.98 11.61
N MET A 213 -13.08 11.12 11.35
CA MET A 213 -13.10 11.68 9.99
C MET A 213 -12.09 10.98 9.06
N THR A 214 -10.97 10.48 9.62
CA THR A 214 -9.86 9.94 8.81
C THR A 214 -9.69 8.40 8.92
N SER A 215 -10.29 7.76 9.92
CA SER A 215 -10.04 6.34 10.20
C SER A 215 -8.61 6.07 10.68
N ILE A 216 -7.87 7.14 10.96
CA ILE A 216 -6.51 7.00 11.56
C ILE A 216 -6.79 6.74 13.07
N THR A 217 -6.10 5.74 13.69
CA THR A 217 -6.33 5.48 15.15
C THR A 217 -5.96 6.71 15.99
N GLN A 218 -6.45 6.79 17.22
CA GLN A 218 -6.05 7.91 18.12
C GLN A 218 -4.59 7.89 18.40
N ASN A 219 -4.04 6.70 18.60
CA ASN A 219 -2.66 6.64 18.90
C ASN A 219 -1.81 7.13 17.74
N ASP A 220 -2.19 6.77 16.51
CA ASP A 220 -1.34 7.22 15.45
C ASP A 220 -1.53 8.70 15.18
N ILE A 221 -2.75 9.22 15.41
CA ILE A 221 -2.94 10.75 15.38
C ILE A 221 -2.06 11.41 16.41
N ILE A 222 -2.13 10.84 17.61
CA ILE A 222 -1.29 11.45 18.71
C ILE A 222 0.20 11.42 18.45
N SER A 223 0.73 10.26 18.02
CA SER A 223 2.15 10.20 17.78
C SER A 223 2.51 11.16 16.65
N THR A 224 1.62 11.32 15.64
CA THR A 224 1.89 12.29 14.55
C THR A 224 1.87 13.76 15.04
N LEU A 225 0.87 14.04 15.78
CA LEU A 225 0.73 15.40 16.31
C LEU A 225 1.89 15.70 17.26
N GLN A 226 2.35 14.71 18.04
CA GLN A 226 3.58 14.93 18.87
C GLN A 226 4.81 15.28 18.08
N SER A 227 4.91 14.59 16.92
CA SER A 227 6.05 14.83 16.10
C SER A 227 5.95 16.21 15.44
N LEU A 228 4.76 16.75 15.32
CA LEU A 228 4.60 18.09 14.79
C LEU A 228 4.53 19.14 15.88
N ASN A 229 4.56 18.67 17.13
CA ASN A 229 4.42 19.56 18.31
C ASN A 229 3.14 20.30 18.31
N MET A 230 2.03 19.59 18.07
CA MET A 230 0.68 20.15 18.00
C MET A 230 -0.26 19.62 19.07
N VAL A 231 0.35 19.08 20.16
CA VAL A 231 -0.48 18.54 21.18
C VAL A 231 0.01 19.05 22.55
N LYS A 232 -0.92 19.40 23.42
CA LYS A 232 -0.54 19.65 24.79
C LYS A 232 -1.13 18.53 25.66
N TYR A 233 -0.72 18.47 26.94
CA TYR A 233 -1.17 17.31 27.78
C TYR A 233 -1.78 17.92 29.00
N TRP A 234 -2.99 17.50 29.36
CA TRP A 234 -3.66 18.16 30.53
C TRP A 234 -4.36 17.14 31.35
N LYS A 235 -3.88 16.97 32.62
CA LYS A 235 -4.50 15.98 33.52
C LYS A 235 -4.80 14.65 32.78
N GLY A 236 -3.80 14.16 32.06
CA GLY A 236 -3.83 12.77 31.63
C GLY A 236 -4.36 12.59 30.21
N GLN A 237 -4.67 13.70 29.58
CA GLN A 237 -5.31 13.66 28.22
C GLN A 237 -4.48 14.49 27.27
N HIS A 238 -4.25 13.89 26.07
CA HIS A 238 -3.71 14.65 24.92
C HIS A 238 -4.78 15.50 24.31
N VAL A 239 -4.48 16.78 24.09
CA VAL A 239 -5.40 17.77 23.54
C VAL A 239 -4.76 18.53 22.33
N ILE A 240 -5.51 18.77 21.23
CA ILE A 240 -4.87 19.54 20.13
C ILE A 240 -4.53 20.97 20.48
N CYS A 241 -3.38 21.44 20.04
CA CYS A 241 -2.98 22.79 20.34
C CYS A 241 -2.22 23.35 19.18
N VAL A 242 -2.90 24.12 18.33
CA VAL A 242 -2.24 24.66 17.13
C VAL A 242 -2.95 25.87 16.62
N THR A 243 -2.17 26.76 16.06
CA THR A 243 -2.66 27.94 15.38
C THR A 243 -2.80 27.72 13.84
N PRO A 244 -3.81 28.35 13.20
CA PRO A 244 -3.90 28.39 11.71
C PRO A 244 -2.57 28.66 10.99
N LYS A 245 -1.78 29.59 11.53
CA LYS A 245 -0.53 29.92 10.84
C LYS A 245 0.47 28.78 10.90
N LEU A 246 0.55 28.08 12.04
CA LEU A 246 1.49 26.97 12.25
C LEU A 246 1.12 25.81 11.29
N VAL A 247 -0.18 25.60 11.14
CA VAL A 247 -0.63 24.53 10.24
C VAL A 247 -0.17 24.89 8.79
N GLU A 248 -0.37 26.14 8.39
CA GLU A 248 0.11 26.55 7.06
C GLU A 248 1.63 26.47 6.86
N GLU A 249 2.43 26.82 7.89
CA GLU A 249 3.90 26.68 7.84
C GLU A 249 4.27 25.23 7.56
N HIS A 250 3.63 24.27 8.23
CA HIS A 250 3.96 22.86 7.98
CA HIS A 250 3.97 22.87 7.98
C HIS A 250 3.71 22.44 6.56
N LEU A 251 2.56 22.80 6.07
CA LEU A 251 2.10 22.45 4.76
C LEU A 251 2.82 23.12 3.60
N LYS A 252 3.70 24.06 3.87
CA LYS A 252 4.44 24.73 2.82
C LYS A 252 5.81 24.10 2.64
N SER A 253 6.04 22.99 3.34
CA SER A 253 7.30 22.28 3.29
CA SER A 253 7.28 22.27 3.29
C SER A 253 7.37 21.42 2.03
N ALA A 254 8.55 21.38 1.40
CA ALA A 254 8.78 20.60 0.16
C ALA A 254 8.07 19.21 0.15
N GLN A 255 8.01 18.58 1.31
CA GLN A 255 7.53 17.23 1.44
C GLN A 255 6.04 17.10 1.03
N TYR A 256 5.27 18.19 1.16
CA TYR A 256 3.84 18.17 0.85
C TYR A 256 3.48 18.80 -0.50
N LYS A 257 4.49 18.99 -1.33
CA LYS A 257 4.31 19.76 -2.56
C LYS A 257 4.19 18.96 -3.85
N LYS A 258 4.42 17.65 -3.82
CA LYS A 258 4.24 16.88 -5.04
C LYS A 258 2.72 16.76 -5.23
N PRO A 259 2.26 16.78 -6.50
CA PRO A 259 0.80 16.65 -6.72
C PRO A 259 0.42 15.18 -6.49
N PRO A 260 -0.49 14.94 -5.58
CA PRO A 260 -0.91 13.55 -5.27
C PRO A 260 -1.77 12.94 -6.37
N ILE A 261 -1.72 11.62 -6.54
CA ILE A 261 -2.69 10.86 -7.38
C ILE A 261 -3.79 10.67 -6.33
N THR A 262 -4.97 11.20 -6.52
CA THR A 262 -5.88 11.22 -5.37
C THR A 262 -6.80 10.01 -5.45
N VAL A 263 -7.35 9.56 -4.34
CA VAL A 263 -8.36 8.51 -4.39
C VAL A 263 -9.75 9.18 -4.48
N ASP A 264 -10.45 8.96 -5.57
CA ASP A 264 -11.75 9.63 -5.80
C ASP A 264 -12.81 8.72 -5.27
N SER A 265 -13.50 9.07 -4.16
CA SER A 265 -14.45 8.15 -3.61
C SER A 265 -15.58 7.86 -4.60
N VAL A 266 -15.85 8.73 -5.58
CA VAL A 266 -16.88 8.47 -6.56
C VAL A 266 -16.50 7.24 -7.42
N CYS A 267 -15.20 6.90 -7.46
CA CYS A 267 -14.79 5.81 -8.34
C CYS A 267 -14.51 4.51 -7.60
N LEU A 268 -14.69 4.51 -6.30
CA LEU A 268 -14.53 3.36 -5.48
C LEU A 268 -15.86 2.65 -5.33
N LYS A 269 -15.84 1.35 -5.61
CA LYS A 269 -17.03 0.52 -5.60
C LYS A 269 -16.87 -0.56 -4.61
N TRP A 270 -17.36 -0.41 -3.39
CA TRP A 270 -17.05 -1.42 -2.43
C TRP A 270 -17.94 -1.35 -1.22
N ALA A 271 -18.42 -2.46 -0.76
CA ALA A 271 -19.05 -2.41 0.57
C ALA A 271 -18.45 -3.51 1.43
N PRO A 272 -18.42 -3.27 2.76
CA PRO A 272 -17.91 -4.21 3.79
C PRO A 272 -18.44 -5.63 3.57
N PRO A 273 -17.63 -6.69 3.84
CA PRO A 273 -18.01 -8.05 3.42
C PRO A 273 -19.01 -8.79 4.34
#